data_7OLZ
#
_entry.id   7OLZ
#
_cell.length_a   54.955
_cell.length_b   57.017
_cell.length_c   144.029
_cell.angle_alpha   90.000
_cell.angle_beta   90.000
_cell.angle_gamma   90.000
#
_symmetry.space_group_name_H-M   'P 21 21 21'
#
loop_
_entity.id
_entity.type
_entity.pdbx_description
1 polymer 'Nanobody Re5D06'
2 polymer 'Nanobody Re9F06'
3 polymer 'Spike protein S1'
4 non-polymer 3-[BENZYL(DIMETHYL)AMMONIO]PROPANE-1-SULFONATE
5 non-polymer 'SULFATE ION'
6 water water
#
loop_
_entity_poly.entity_id
_entity_poly.type
_entity_poly.pdbx_seq_one_letter_code
_entity_poly.pdbx_strand_id
1 'polypeptide(L)'
;GSQVQLVESGGGLVQPGGSLRLSCAASGITLDYYAIGWFRQAPGKEREGVSRIRSSDGSTNYADSVKGRFTMSRDNAKNT
VYLQMNSLKPEDTAVYYCAYGPLTKYGSSWYWPYEYDYWGQGTQVTVSSTS
;
C
2 'polypeptide(L)'
;GSQVQLVESGGGLVQAGGSLRLSCAASGRTFSNDALGWFRQAPRKEREFVAAINWNSGTYYADSVKGRFTISRDNAKNTV
YLQMNSLKPEDTAVYSCAAASDYGLPREDFLYDYWGQGTQVTVSSTS
;
B
3 'polypeptide(L)'
;TNLCPFGEVFNATRFASVYAWNRKRISNCVADYSVLYNSASFSTFKCYGVSPTKLNDLCFTNVYADSFVIRGDEVRQIAP
GQTGKIADYNYKLPDDFTGCVIAWNSNNLDSKVGGNYNYLYRLFRKSNLKPFERDISTEIYQAGSTPCNGVEGFNCYFPL
QSYGFQPTNGVGYQPYRVVVLSFELLHAPATVCGP
;
A
#
# COMPACT_ATOMS: atom_id res chain seq x y z
N GLN A 3 8.16 5.73 11.70
CA GLN A 3 7.21 6.49 10.91
C GLN A 3 6.11 7.09 11.80
N VAL A 4 4.87 6.84 11.45
CA VAL A 4 3.74 7.50 12.09
C VAL A 4 3.36 6.72 13.34
N GLN A 5 3.15 7.42 14.45
CA GLN A 5 2.59 6.81 15.65
C GLN A 5 1.51 7.73 16.20
N LEU A 6 0.37 7.16 16.55
CA LEU A 6 -0.72 7.89 17.20
C LEU A 6 -1.00 7.20 18.51
N VAL A 7 -1.00 7.96 19.61
CA VAL A 7 -1.21 7.36 20.93
C VAL A 7 -2.28 8.17 21.66
N GLU A 8 -3.40 7.52 21.98
CA GLU A 8 -4.47 8.17 22.70
C GLU A 8 -4.32 7.96 24.20
N SER A 9 -4.81 8.94 24.97
CA SER A 9 -4.91 8.81 26.41
C SER A 9 -6.02 9.70 26.93
N GLY A 10 -6.33 9.54 28.22
CA GLY A 10 -7.32 10.38 28.87
C GLY A 10 -8.66 9.72 29.06
N GLY A 11 -8.84 8.51 28.56
CA GLY A 11 -10.04 7.77 28.82
C GLY A 11 -10.23 7.51 30.29
N GLY A 12 -11.42 7.07 30.64
CA GLY A 12 -11.70 6.77 32.02
C GLY A 12 -13.19 6.54 32.22
N LEU A 13 -13.53 6.42 33.49
CA LEU A 13 -14.89 6.19 33.96
C LEU A 13 -15.43 7.48 34.53
N VAL A 14 -16.62 7.89 34.07
CA VAL A 14 -17.27 9.08 34.62
C VAL A 14 -18.76 8.81 34.71
N GLN A 15 -19.41 9.60 35.53
CA GLN A 15 -20.84 9.55 35.67
C GLN A 15 -21.51 10.29 34.53
N PRO A 16 -22.78 9.98 34.27
CA PRO A 16 -23.52 10.71 33.22
C PRO A 16 -23.55 12.20 33.53
N GLY A 17 -23.46 12.99 32.47
CA GLY A 17 -23.33 14.43 32.57
C GLY A 17 -21.93 14.94 32.79
N GLY A 18 -20.96 14.08 33.09
CA GLY A 18 -19.59 14.49 33.37
C GLY A 18 -18.80 14.79 32.11
N SER A 19 -17.50 15.05 32.31
CA SER A 19 -16.60 15.47 31.24
C SER A 19 -15.30 14.68 31.30
N LEU A 20 -14.62 14.63 30.15
CA LEU A 20 -13.29 14.06 30.02
C LEU A 20 -12.59 14.78 28.88
N ARG A 21 -11.27 14.79 28.90
CA ARG A 21 -10.51 15.31 27.76
C ARG A 21 -9.57 14.23 27.28
N LEU A 22 -9.74 13.79 26.04
CA LEU A 22 -8.83 12.84 25.44
C LEU A 22 -7.73 13.57 24.71
N SER A 23 -6.55 12.94 24.67
CA SER A 23 -5.42 13.42 23.90
C SER A 23 -4.99 12.37 22.91
N CYS A 24 -4.50 12.82 21.76
CA CYS A 24 -3.94 11.97 20.73
C CYS A 24 -2.59 12.58 20.39
N ALA A 25 -1.51 11.93 20.82
CA ALA A 25 -0.16 12.39 20.55
C ALA A 25 0.33 11.75 19.26
N ALA A 26 0.68 12.56 18.28
CA ALA A 26 1.07 12.08 16.97
C ALA A 26 2.53 12.36 16.71
N SER A 27 3.23 11.39 16.15
CA SER A 27 4.59 11.61 15.68
CA SER A 27 4.61 11.56 15.71
C SER A 27 4.69 11.12 14.25
N GLY A 28 5.63 11.71 13.52
CA GLY A 28 5.81 11.29 12.14
C GLY A 28 4.88 11.91 11.14
N ILE A 29 4.14 12.96 11.51
CA ILE A 29 3.27 13.66 10.56
C ILE A 29 4.13 14.43 9.57
N THR A 30 4.18 13.97 8.32
CA THR A 30 4.96 14.66 7.31
C THR A 30 4.16 15.06 6.08
N LEU A 31 2.89 14.69 5.99
CA LEU A 31 2.06 15.17 4.89
C LEU A 31 1.75 16.64 5.11
N ASP A 32 1.67 17.40 4.01
CA ASP A 32 1.25 18.81 4.14
C ASP A 32 -0.26 18.94 4.29
N TYR A 33 -1.05 18.06 3.66
CA TYR A 33 -2.50 18.23 3.56
C TYR A 33 -3.15 16.95 4.07
N TYR A 34 -3.68 17.00 5.29
CA TYR A 34 -4.14 15.79 5.98
C TYR A 34 -5.36 16.11 6.83
N ALA A 35 -6.08 15.05 7.19
CA ALA A 35 -7.15 15.08 8.16
C ALA A 35 -6.75 14.25 9.38
N ILE A 36 -7.15 14.74 10.54
CA ILE A 36 -7.12 13.95 11.79
C ILE A 36 -8.56 13.79 12.21
N GLY A 37 -8.96 12.57 12.53
CA GLY A 37 -10.29 12.29 13.02
C GLY A 37 -10.28 11.60 14.37
N TRP A 38 -11.32 11.87 15.16
CA TRP A 38 -11.69 11.04 16.29
C TRP A 38 -12.85 10.14 15.87
N PHE A 39 -12.70 8.83 16.12
CA PHE A 39 -13.75 7.85 15.87
C PHE A 39 -14.02 7.08 17.15
N ARG A 40 -15.14 6.35 17.20
CA ARG A 40 -15.39 5.53 18.36
C ARG A 40 -16.03 4.21 17.96
N GLN A 41 -15.72 3.18 18.75
CA GLN A 41 -16.29 1.87 18.49
CA GLN A 41 -16.22 1.84 18.50
C GLN A 41 -16.61 1.19 19.81
N ALA A 42 -17.84 0.76 19.92
CA ALA A 42 -18.32 -0.05 21.03
C ALA A 42 -18.58 -1.46 20.54
N PRO A 43 -18.46 -2.46 21.41
CA PRO A 43 -18.85 -3.82 21.02
C PRO A 43 -20.31 -3.84 20.55
N GLY A 44 -20.57 -4.54 19.46
CA GLY A 44 -21.93 -4.67 18.97
C GLY A 44 -22.51 -3.44 18.29
N LYS A 45 -21.73 -2.37 18.12
CA LYS A 45 -22.16 -1.22 17.35
C LYS A 45 -21.21 -1.01 16.18
N GLU A 46 -21.69 -0.31 15.16
CA GLU A 46 -20.79 0.09 14.09
C GLU A 46 -19.87 1.20 14.58
N ARG A 47 -18.65 1.23 14.04
CA ARG A 47 -17.75 2.35 14.28
C ARG A 47 -18.40 3.63 13.77
N GLU A 48 -18.15 4.73 14.48
CA GLU A 48 -18.80 6.00 14.21
C GLU A 48 -17.74 7.08 14.16
N GLY A 49 -17.78 7.92 13.14
CA GLY A 49 -17.00 9.13 13.20
C GLY A 49 -17.55 10.05 14.27
N VAL A 50 -16.66 10.68 15.02
CA VAL A 50 -17.03 11.61 16.08
C VAL A 50 -16.71 13.05 15.68
N SER A 51 -15.48 13.30 15.24
CA SER A 51 -15.10 14.65 14.84
CA SER A 51 -15.11 14.65 14.83
C SER A 51 -13.92 14.56 13.89
N ARG A 52 -13.66 15.66 13.17
CA ARG A 52 -12.48 15.66 12.33
C ARG A 52 -12.03 17.09 12.06
N ILE A 53 -10.73 17.25 11.79
CA ILE A 53 -10.11 18.55 11.52
C ILE A 53 -9.14 18.34 10.37
N ARG A 54 -8.85 19.40 9.60
CA ARG A 54 -7.88 19.23 8.51
C ARG A 54 -6.92 20.41 8.40
N SER A 55 -5.76 20.11 7.80
CA SER A 55 -4.66 21.07 7.74
C SER A 55 -4.75 22.01 6.56
N SER A 56 -5.77 21.88 5.70
CA SER A 56 -5.95 22.83 4.61
C SER A 56 -6.61 24.11 5.14
N ASP A 57 -7.87 24.03 5.54
CA ASP A 57 -8.57 25.22 5.99
C ASP A 57 -8.90 25.19 7.47
N GLY A 58 -8.45 24.19 8.21
CA GLY A 58 -8.73 24.12 9.63
C GLY A 58 -10.16 23.90 10.01
N SER A 59 -11.02 23.54 9.07
CA SER A 59 -12.38 23.40 9.50
C SER A 59 -12.58 22.08 10.23
N THR A 60 -13.63 22.03 11.04
CA THR A 60 -13.95 20.89 11.88
CA THR A 60 -13.95 20.87 11.85
C THR A 60 -15.38 20.46 11.58
N ASN A 61 -15.62 19.16 11.57
CA ASN A 61 -16.96 18.60 11.47
C ASN A 61 -17.18 17.69 12.65
N TYR A 62 -18.43 17.62 13.12
CA TYR A 62 -18.83 16.74 14.22
C TYR A 62 -20.03 15.90 13.83
N ALA A 63 -20.09 14.68 14.37
CA ALA A 63 -21.30 13.89 14.19
C ALA A 63 -22.48 14.54 14.88
N ASP A 64 -23.67 14.39 14.28
CA ASP A 64 -24.88 14.99 14.83
C ASP A 64 -25.06 14.63 16.29
N SER A 65 -24.73 13.38 16.65
CA SER A 65 -24.94 12.92 18.02
C SER A 65 -24.09 13.67 19.04
N VAL A 66 -22.99 14.32 18.64
CA VAL A 66 -22.10 14.98 19.59
C VAL A 66 -22.02 16.49 19.41
N LYS A 67 -22.65 17.07 18.37
CA LYS A 67 -22.57 18.51 18.14
C LYS A 67 -22.95 19.28 19.39
N GLY A 68 -22.15 20.28 19.73
CA GLY A 68 -22.43 21.09 20.90
C GLY A 68 -22.04 20.50 22.22
N ARG A 69 -21.60 19.24 22.26
CA ARG A 69 -21.08 18.64 23.47
C ARG A 69 -19.59 18.36 23.41
N PHE A 70 -19.07 18.02 22.24
CA PHE A 70 -17.68 17.68 22.04
C PHE A 70 -16.98 18.77 21.24
N THR A 71 -15.70 18.97 21.52
CA THR A 71 -14.90 19.94 20.79
C THR A 71 -13.54 19.34 20.51
N MET A 72 -13.12 19.37 19.24
CA MET A 72 -11.81 18.90 18.83
C MET A 72 -10.88 20.09 18.64
N SER A 73 -9.63 19.92 19.04
CA SER A 73 -8.72 21.06 18.87
C SER A 73 -7.30 20.56 18.73
N ARG A 74 -6.43 21.47 18.28
CA ARG A 74 -5.01 21.19 18.12
C ARG A 74 -4.22 21.95 19.17
N ASP A 75 -3.28 21.28 19.84
CA ASP A 75 -2.34 21.97 20.70
C ASP A 75 -1.51 22.94 19.88
N ASN A 76 -1.24 24.13 20.42
CA ASN A 76 -0.41 25.02 19.62
C ASN A 76 1.10 24.78 19.79
N ALA A 77 1.54 23.97 20.76
CA ALA A 77 2.97 23.83 20.97
C ALA A 77 3.53 22.42 20.78
N LYS A 78 2.68 21.40 20.58
CA LYS A 78 3.16 20.04 20.36
C LYS A 78 2.17 19.33 19.46
N ASN A 79 2.56 18.17 18.94
CA ASN A 79 1.71 17.50 17.96
C ASN A 79 0.68 16.62 18.68
N THR A 80 -0.25 17.29 19.36
CA THR A 80 -1.31 16.62 20.08
C THR A 80 -2.64 17.23 19.68
N VAL A 81 -3.64 16.39 19.45
CA VAL A 81 -4.99 16.90 19.29
C VAL A 81 -5.81 16.42 20.47
N TYR A 82 -6.86 17.17 20.77
CA TYR A 82 -7.72 16.87 21.90
C TYR A 82 -9.16 16.65 21.44
N LEU A 83 -9.87 15.88 22.27
CA LEU A 83 -11.33 15.84 22.26
C LEU A 83 -11.79 16.18 23.67
N GLN A 84 -12.35 17.38 23.82
CA GLN A 84 -13.05 17.77 25.05
C GLN A 84 -14.48 17.24 24.97
N MET A 85 -14.86 16.34 25.88
CA MET A 85 -16.19 15.72 25.89
C MET A 85 -16.91 16.20 27.14
N ASN A 86 -17.94 17.00 26.93
CA ASN A 86 -18.78 17.52 27.99
C ASN A 86 -20.14 16.83 27.92
N SER A 87 -20.84 16.84 29.06
CA SER A 87 -22.21 16.32 29.16
C SER A 87 -22.30 14.88 28.65
N LEU A 88 -21.40 14.03 29.14
CA LEU A 88 -21.31 12.67 28.62
C LEU A 88 -22.57 11.87 28.93
N LYS A 89 -22.89 10.94 28.03
CA LYS A 89 -24.07 10.10 28.18
CA LYS A 89 -24.08 10.11 28.12
C LYS A 89 -23.67 8.64 28.05
N PRO A 90 -24.40 7.74 28.71
CA PRO A 90 -24.02 6.32 28.64
C PRO A 90 -23.80 5.81 27.23
N GLU A 91 -24.54 6.33 26.26
CA GLU A 91 -24.38 5.91 24.87
C GLU A 91 -23.07 6.39 24.24
N ASP A 92 -22.33 7.30 24.87
CA ASP A 92 -20.98 7.67 24.45
C ASP A 92 -19.93 6.64 24.86
N THR A 93 -20.32 5.60 25.60
CA THR A 93 -19.36 4.61 26.06
C THR A 93 -18.77 3.88 24.84
N ALA A 94 -17.45 3.83 24.76
CA ALA A 94 -16.79 3.24 23.60
C ALA A 94 -15.29 3.34 23.78
N VAL A 95 -14.56 2.65 22.88
CA VAL A 95 -13.14 2.93 22.68
C VAL A 95 -13.03 4.06 21.66
N TYR A 96 -12.29 5.11 22.01
CA TYR A 96 -12.08 6.24 21.11
C TYR A 96 -10.69 6.15 20.50
N TYR A 97 -10.65 6.36 19.19
CA TYR A 97 -9.46 6.20 18.37
C TYR A 97 -9.20 7.50 17.64
N CYS A 98 -7.96 7.83 17.48
CA CYS A 98 -7.63 8.90 16.55
CA CYS A 98 -7.51 8.90 16.61
C CYS A 98 -6.96 8.31 15.33
N ALA A 99 -7.14 9.01 14.21
CA ALA A 99 -6.70 8.53 12.92
C ALA A 99 -6.22 9.68 12.06
N TYR A 100 -5.31 9.37 11.12
CA TYR A 100 -4.63 10.38 10.32
C TYR A 100 -4.48 9.88 8.90
N GLY A 101 -4.74 10.78 7.94
CA GLY A 101 -4.47 10.41 6.56
C GLY A 101 -4.53 11.59 5.61
N PRO A 102 -4.15 11.39 4.36
CA PRO A 102 -4.16 12.50 3.39
C PRO A 102 -5.57 12.98 3.04
N LEU A 103 -5.67 14.28 2.80
CA LEU A 103 -6.81 14.89 2.14
C LEU A 103 -6.84 14.52 0.66
N THR A 104 -7.98 14.74 0.03
CA THR A 104 -8.11 14.44 -1.40
C THR A 104 -8.02 15.74 -2.19
N LYS A 105 -7.07 15.80 -3.12
CA LYS A 105 -6.93 16.97 -3.98
C LYS A 105 -7.65 16.66 -5.29
N TYR A 106 -8.59 17.50 -5.67
CA TYR A 106 -9.31 17.29 -6.91
C TYR A 106 -9.30 18.64 -7.60
N GLY A 107 -8.45 18.78 -8.61
CA GLY A 107 -8.25 20.09 -9.20
C GLY A 107 -7.70 21.03 -8.14
N SER A 108 -8.34 22.16 -7.97
CA SER A 108 -7.93 23.11 -6.95
C SER A 108 -8.71 22.96 -5.65
N SER A 109 -9.58 21.95 -5.54
CA SER A 109 -10.38 21.76 -4.35
C SER A 109 -9.78 20.65 -3.46
N TRP A 110 -10.09 20.73 -2.17
CA TRP A 110 -9.71 19.71 -1.21
C TRP A 110 -10.96 19.08 -0.60
N TYR A 111 -10.93 17.75 -0.43
CA TYR A 111 -12.05 16.98 0.06
C TYR A 111 -11.62 16.08 1.23
N TRP A 112 -12.58 15.79 2.08
CA TRP A 112 -12.32 14.93 3.24
C TRP A 112 -12.17 13.48 2.79
N PRO A 113 -11.21 12.73 3.33
CA PRO A 113 -11.15 11.30 3.07
C PRO A 113 -12.18 10.53 3.89
N TYR A 114 -12.49 9.31 3.43
CA TYR A 114 -13.17 8.28 4.20
C TYR A 114 -12.19 7.32 4.87
N GLU A 115 -11.18 6.87 4.14
CA GLU A 115 -10.14 5.99 4.66
C GLU A 115 -9.03 6.84 5.25
N TYR A 116 -8.48 6.39 6.37
CA TYR A 116 -7.34 6.99 7.04
C TYR A 116 -6.21 5.95 7.09
N ASP A 117 -4.99 6.42 6.85
CA ASP A 117 -3.81 5.53 6.77
C ASP A 117 -3.41 4.96 8.12
N TYR A 118 -3.49 5.75 9.18
CA TYR A 118 -2.93 5.36 10.47
C TYR A 118 -3.98 5.52 11.55
N TRP A 119 -4.13 4.49 12.39
CA TRP A 119 -5.02 4.55 13.55
C TRP A 119 -4.20 4.31 14.80
N GLY A 120 -4.60 4.92 15.89
CA GLY A 120 -3.98 4.67 17.19
C GLY A 120 -4.57 3.44 17.83
N GLN A 121 -4.22 3.25 19.10
CA GLN A 121 -4.59 2.01 19.77
C GLN A 121 -5.87 2.14 20.57
N GLY A 122 -6.43 3.33 20.66
CA GLY A 122 -7.70 3.46 21.37
C GLY A 122 -7.51 3.77 22.85
N THR A 123 -8.46 4.53 23.40
CA THR A 123 -8.57 4.74 24.83
C THR A 123 -10.04 4.55 25.24
N GLN A 124 -10.26 3.84 26.33
CA GLN A 124 -11.62 3.47 26.72
C GLN A 124 -12.31 4.59 27.48
N VAL A 125 -13.54 4.90 27.08
CA VAL A 125 -14.39 5.86 27.77
C VAL A 125 -15.65 5.13 28.21
N THR A 126 -15.94 5.19 29.52
CA THR A 126 -17.08 4.48 30.08
C THR A 126 -17.90 5.47 30.87
N VAL A 127 -19.17 5.62 30.49
CA VAL A 127 -20.08 6.55 31.17
C VAL A 127 -21.12 5.68 31.88
N SER A 128 -21.19 5.79 33.21
CA SER A 128 -21.93 4.82 33.99
C SER A 128 -22.27 5.41 35.36
N SER A 129 -23.42 5.02 35.88
CA SER A 129 -23.77 5.38 37.26
CA SER A 129 -23.79 5.37 37.26
C SER A 129 -23.10 4.46 38.28
N THR A 130 -22.45 3.39 37.83
CA THR A 130 -21.76 2.42 38.68
C THR A 130 -20.33 2.24 38.17
N SER A 131 -20.07 1.10 37.52
CA SER A 131 -18.75 0.81 36.94
C SER A 131 -18.82 0.67 35.41
N GLN B 3 2.32 -26.61 -4.97
CA GLN B 3 3.03 -26.07 -3.83
C GLN B 3 4.52 -26.38 -3.95
N VAL B 4 5.32 -25.34 -4.12
CA VAL B 4 6.75 -25.49 -4.40
C VAL B 4 7.53 -25.29 -3.10
N GLN B 5 8.30 -26.31 -2.73
CA GLN B 5 9.14 -26.29 -1.55
C GLN B 5 10.49 -25.65 -1.87
N LEU B 6 10.94 -24.74 -0.99
CA LEU B 6 12.22 -24.03 -1.09
C LEU B 6 13.03 -24.32 0.17
N VAL B 7 14.29 -24.75 0.00
CA VAL B 7 15.14 -25.07 1.15
C VAL B 7 16.51 -24.45 0.94
N GLU B 8 16.86 -23.51 1.82
CA GLU B 8 18.16 -22.84 1.82
C GLU B 8 19.21 -23.68 2.54
N SER B 9 20.45 -23.59 2.06
CA SER B 9 21.63 -24.18 2.70
C SER B 9 22.75 -23.18 2.67
N GLY B 10 23.74 -23.38 3.54
CA GLY B 10 25.00 -22.67 3.46
C GLY B 10 25.28 -21.70 4.57
N GLY B 11 24.32 -21.39 5.44
CA GLY B 11 24.56 -20.39 6.47
C GLY B 11 25.63 -20.83 7.45
N GLY B 12 26.11 -19.88 8.24
CA GLY B 12 27.16 -20.17 9.19
C GLY B 12 27.84 -18.90 9.68
N LEU B 13 28.90 -19.13 10.44
CA LEU B 13 29.72 -18.08 11.00
C LEU B 13 30.87 -17.79 10.04
N VAL B 14 31.06 -16.51 9.71
CA VAL B 14 32.21 -16.08 8.91
C VAL B 14 32.81 -14.84 9.53
N GLN B 15 34.10 -14.65 9.29
CA GLN B 15 34.78 -13.46 9.76
C GLN B 15 34.63 -12.35 8.73
N ALA B 16 34.58 -11.12 9.24
CA ALA B 16 34.49 -9.95 8.38
C ALA B 16 35.49 -10.03 7.25
N GLY B 17 35.06 -9.64 6.05
CA GLY B 17 35.88 -9.78 4.86
C GLY B 17 35.85 -11.14 4.24
N GLY B 18 35.30 -12.14 4.93
CA GLY B 18 35.18 -13.46 4.37
C GLY B 18 34.10 -13.52 3.28
N SER B 19 33.88 -14.74 2.82
CA SER B 19 32.91 -14.99 1.77
C SER B 19 32.20 -16.30 2.08
N LEU B 20 30.99 -16.44 1.56
CA LEU B 20 30.11 -17.53 1.91
C LEU B 20 29.10 -17.66 0.80
N ARG B 21 28.76 -18.90 0.42
CA ARG B 21 27.82 -19.13 -0.67
C ARG B 21 26.58 -19.82 -0.14
N LEU B 22 25.43 -19.18 -0.29
CA LEU B 22 24.15 -19.80 0.03
C LEU B 22 23.56 -20.45 -1.22
N SER B 23 22.74 -21.46 -1.01
CA SER B 23 22.05 -22.09 -2.11
C SER B 23 20.62 -22.36 -1.67
N CYS B 24 19.74 -22.49 -2.65
CA CYS B 24 18.35 -22.79 -2.35
C CYS B 24 17.82 -23.71 -3.42
N ALA B 25 17.39 -24.90 -2.99
CA ALA B 25 16.84 -25.91 -3.86
C ALA B 25 15.32 -25.83 -3.85
N ALA B 26 14.73 -25.82 -5.05
CA ALA B 26 13.28 -25.70 -5.23
C ALA B 26 12.74 -26.98 -5.83
N SER B 27 11.57 -27.38 -5.37
CA SER B 27 10.85 -28.43 -6.09
C SER B 27 9.99 -27.78 -7.15
N GLY B 28 9.43 -28.58 -8.04
CA GLY B 28 8.43 -28.04 -8.93
C GLY B 28 8.94 -27.90 -10.35
N ARG B 29 8.01 -28.02 -11.31
CA ARG B 29 8.35 -28.10 -12.72
C ARG B 29 8.56 -26.75 -13.38
N THR B 30 8.07 -25.67 -12.77
CA THR B 30 8.07 -24.38 -13.43
C THR B 30 9.27 -23.55 -13.03
N PHE B 31 10.25 -24.14 -12.36
CA PHE B 31 11.36 -23.37 -11.84
C PHE B 31 11.95 -22.43 -12.89
N SER B 32 12.19 -22.94 -14.10
CA SER B 32 13.02 -22.18 -15.02
C SER B 32 12.35 -20.90 -15.47
N ASN B 33 11.02 -20.84 -15.45
CA ASN B 33 10.30 -19.62 -15.79
C ASN B 33 10.12 -18.68 -14.62
N ASP B 34 10.42 -19.10 -13.41
CA ASP B 34 10.11 -18.31 -12.22
C ASP B 34 11.22 -17.34 -11.90
N ALA B 35 10.85 -16.26 -11.22
CA ALA B 35 11.83 -15.36 -10.64
C ALA B 35 12.17 -15.89 -9.26
N LEU B 36 13.43 -15.76 -8.87
CA LEU B 36 13.91 -16.25 -7.58
C LEU B 36 14.65 -15.11 -6.90
N GLY B 37 14.37 -14.92 -5.62
CA GLY B 37 14.89 -13.78 -4.90
C GLY B 37 15.44 -14.22 -3.55
N TRP B 38 16.32 -13.38 -3.01
CA TRP B 38 16.84 -13.50 -1.67
C TRP B 38 16.51 -12.23 -0.90
N PHE B 39 16.10 -12.46 0.35
CA PHE B 39 15.75 -11.43 1.32
C PHE B 39 16.51 -11.71 2.60
N ARG B 40 16.62 -10.69 3.47
CA ARG B 40 17.26 -10.94 4.74
C ARG B 40 16.56 -10.17 5.85
N GLN B 41 16.62 -10.73 7.05
CA GLN B 41 15.95 -10.15 8.20
C GLN B 41 16.95 -10.15 9.35
N ALA B 42 17.33 -8.97 9.81
CA ALA B 42 18.21 -8.81 10.95
C ALA B 42 17.40 -8.49 12.19
N PRO B 43 17.92 -8.78 13.39
CA PRO B 43 17.16 -8.51 14.61
C PRO B 43 16.75 -7.04 14.70
N ARG B 44 15.51 -6.84 15.13
CA ARG B 44 14.90 -5.52 15.31
C ARG B 44 14.69 -4.78 13.99
N LYS B 45 15.28 -5.26 12.89
CA LYS B 45 15.12 -4.66 11.58
C LYS B 45 14.07 -5.41 10.77
N GLU B 46 13.45 -4.71 9.83
CA GLU B 46 12.44 -5.30 8.97
C GLU B 46 13.09 -6.00 7.78
N ARG B 47 12.41 -7.02 7.28
CA ARG B 47 12.86 -7.75 6.10
C ARG B 47 13.27 -6.79 5.00
N GLU B 48 14.35 -7.11 4.32
CA GLU B 48 14.83 -6.27 3.24
C GLU B 48 15.25 -7.13 2.06
N PHE B 49 14.94 -6.62 0.87
CA PHE B 49 15.37 -7.28 -0.35
C PHE B 49 16.89 -7.31 -0.47
N VAL B 50 17.42 -8.42 -0.98
CA VAL B 50 18.85 -8.58 -1.21
C VAL B 50 19.17 -8.68 -2.70
N ALA B 51 18.57 -9.64 -3.39
CA ALA B 51 19.00 -9.84 -4.77
C ALA B 51 18.01 -10.75 -5.47
N ALA B 52 17.91 -10.63 -6.80
CA ALA B 52 16.91 -11.44 -7.51
C ALA B 52 17.33 -11.71 -8.96
N ILE B 53 16.81 -12.82 -9.51
CA ILE B 53 17.13 -13.25 -10.87
C ILE B 53 15.86 -13.76 -11.53
N ASN B 54 15.67 -13.42 -12.82
CA ASN B 54 14.46 -13.83 -13.52
C ASN B 54 14.74 -14.91 -14.57
N TRP B 55 13.70 -15.25 -15.35
CA TRP B 55 13.76 -16.41 -16.25
C TRP B 55 14.86 -16.26 -17.29
N ASN B 56 15.18 -15.03 -17.68
CA ASN B 56 16.17 -14.73 -18.70
C ASN B 56 17.53 -14.42 -18.11
N SER B 57 17.71 -14.69 -16.81
CA SER B 57 18.93 -14.47 -16.04
C SER B 57 19.29 -12.99 -15.88
N GLY B 58 18.34 -12.08 -16.09
CA GLY B 58 18.56 -10.71 -15.64
C GLY B 58 18.55 -10.66 -14.12
N THR B 59 19.33 -9.73 -13.56
CA THR B 59 19.49 -9.68 -12.11
C THR B 59 19.30 -8.26 -11.61
N TYR B 60 19.02 -8.17 -10.32
CA TYR B 60 18.87 -6.88 -9.66
C TYR B 60 19.31 -7.01 -8.21
N TYR B 61 20.04 -6.01 -7.71
CA TYR B 61 20.62 -6.03 -6.37
C TYR B 61 20.21 -4.81 -5.54
N ALA B 62 20.03 -5.03 -4.24
CA ALA B 62 19.92 -3.90 -3.32
C ALA B 62 21.24 -3.14 -3.35
N ASP B 63 21.14 -1.81 -3.23
CA ASP B 63 22.34 -0.99 -3.22
C ASP B 63 23.34 -1.47 -2.18
N SER B 64 22.84 -1.90 -1.02
CA SER B 64 23.72 -2.27 0.09
C SER B 64 24.63 -3.44 -0.23
N VAL B 65 24.33 -4.24 -1.26
CA VAL B 65 25.12 -5.43 -1.54
C VAL B 65 25.72 -5.44 -2.94
N LYS B 66 25.34 -4.51 -3.82
CA LYS B 66 25.96 -4.39 -5.14
C LYS B 66 27.48 -4.42 -5.07
N GLY B 67 28.09 -5.18 -5.97
CA GLY B 67 29.53 -5.29 -6.02
C GLY B 67 30.10 -6.36 -5.13
N ARG B 68 29.37 -6.78 -4.11
CA ARG B 68 29.84 -7.79 -3.18
C ARG B 68 29.13 -9.13 -3.34
N PHE B 69 27.84 -9.12 -3.64
CA PHE B 69 27.05 -10.34 -3.77
C PHE B 69 26.70 -10.57 -5.23
N THR B 70 26.60 -11.85 -5.61
CA THR B 70 26.22 -12.25 -6.95
C THR B 70 25.16 -13.33 -6.83
N ILE B 71 24.03 -13.15 -7.52
CA ILE B 71 22.99 -14.18 -7.57
C ILE B 71 23.11 -14.91 -8.91
N SER B 72 22.89 -16.22 -8.89
CA SER B 72 22.97 -17.02 -10.11
C SER B 72 22.01 -18.20 -9.99
N ARG B 73 21.69 -18.83 -11.12
CA ARG B 73 20.77 -19.96 -11.07
C ARG B 73 21.30 -21.10 -11.93
N ASP B 74 20.91 -22.32 -11.56
CA ASP B 74 21.21 -23.52 -12.33
C ASP B 74 19.87 -24.25 -12.54
N ASN B 75 19.29 -24.05 -13.72
CA ASN B 75 17.97 -24.62 -13.97
C ASN B 75 18.01 -26.14 -14.00
N ALA B 76 19.15 -26.72 -14.37
CA ALA B 76 19.25 -28.16 -14.43
C ALA B 76 19.15 -28.77 -13.03
N LYS B 77 19.56 -28.03 -12.02
CA LYS B 77 19.53 -28.45 -10.63
C LYS B 77 18.41 -27.80 -9.82
N ASN B 78 17.53 -27.00 -10.45
CA ASN B 78 16.46 -26.31 -9.74
C ASN B 78 17.03 -25.51 -8.57
N THR B 79 18.19 -24.90 -8.75
CA THR B 79 18.86 -24.27 -7.62
C THR B 79 19.20 -22.82 -7.94
N VAL B 80 19.08 -21.95 -6.93
CA VAL B 80 19.57 -20.57 -7.03
C VAL B 80 20.65 -20.41 -5.97
N TYR B 81 21.63 -19.56 -6.25
CA TYR B 81 22.80 -19.35 -5.39
C TYR B 81 22.95 -17.87 -5.10
N LEU B 82 23.41 -17.57 -3.88
CA LEU B 82 23.85 -16.23 -3.48
C LEU B 82 25.30 -16.31 -3.00
N GLN B 83 26.23 -15.78 -3.78
CA GLN B 83 27.64 -15.69 -3.41
C GLN B 83 27.86 -14.35 -2.68
N MET B 84 28.41 -14.42 -1.46
CA MET B 84 28.53 -13.26 -0.58
C MET B 84 30.00 -13.01 -0.25
N ASN B 85 30.58 -11.96 -0.83
CA ASN B 85 31.97 -11.62 -0.60
C ASN B 85 32.09 -10.33 0.21
N SER B 86 33.27 -10.15 0.80
CA SER B 86 33.58 -8.93 1.53
C SER B 86 32.52 -8.66 2.59
N LEU B 87 32.19 -9.70 3.36
CA LEU B 87 31.11 -9.62 4.32
C LEU B 87 31.45 -8.67 5.45
N LYS B 88 30.48 -7.85 5.83
CA LYS B 88 30.55 -6.94 6.94
C LYS B 88 29.68 -7.45 8.10
N PRO B 89 29.94 -7.01 9.32
CA PRO B 89 29.04 -7.41 10.42
C PRO B 89 27.62 -6.94 10.21
N GLU B 90 27.42 -5.85 9.47
CA GLU B 90 26.08 -5.38 9.15
C GLU B 90 25.34 -6.33 8.23
N ASP B 91 26.01 -7.34 7.67
CA ASP B 91 25.33 -8.31 6.83
C ASP B 91 24.74 -9.47 7.63
N THR B 92 25.02 -9.54 8.93
CA THR B 92 24.47 -10.61 9.77
C THR B 92 22.94 -10.58 9.71
N ALA B 93 22.33 -11.73 9.46
CA ALA B 93 20.88 -11.78 9.27
C ALA B 93 20.48 -13.22 9.00
N VAL B 94 19.18 -13.46 9.02
CA VAL B 94 18.60 -14.68 8.44
C VAL B 94 18.27 -14.39 7.00
N TYR B 95 18.86 -15.16 6.08
CA TYR B 95 18.64 -15.01 4.65
C TYR B 95 17.63 -16.04 4.18
N SER B 96 16.65 -15.62 3.39
CA SER B 96 15.57 -16.49 2.93
CA SER B 96 15.62 -16.54 2.92
C SER B 96 15.42 -16.36 1.41
N CYS B 97 15.11 -17.46 0.76
CA CYS B 97 14.87 -17.43 -0.66
CA CYS B 97 14.87 -17.46 -0.68
C CYS B 97 13.37 -17.48 -0.93
N ALA B 98 12.95 -16.87 -2.02
CA ALA B 98 11.55 -16.82 -2.41
C ALA B 98 11.43 -17.05 -3.90
N ALA B 99 10.28 -17.55 -4.33
CA ALA B 99 10.02 -17.72 -5.75
C ALA B 99 8.73 -17.02 -6.13
N ALA B 100 8.67 -16.52 -7.36
CA ALA B 100 7.50 -15.83 -7.89
C ALA B 100 7.18 -16.39 -9.28
N SER B 101 5.91 -16.72 -9.52
CA SER B 101 5.41 -17.15 -10.84
C SER B 101 5.18 -15.90 -11.67
N ASP B 102 6.29 -15.37 -12.19
CA ASP B 102 6.32 -14.00 -12.70
C ASP B 102 7.53 -13.90 -13.62
N TYR B 103 7.34 -13.32 -14.82
CA TYR B 103 8.47 -13.13 -15.72
C TYR B 103 9.27 -11.87 -15.42
N GLY B 104 8.79 -11.04 -14.53
CA GLY B 104 9.47 -9.82 -14.17
C GLY B 104 10.54 -10.13 -13.16
N LEU B 105 11.02 -9.08 -12.49
CA LEU B 105 12.07 -9.22 -11.49
C LEU B 105 11.60 -8.56 -10.19
N PRO B 106 10.71 -9.21 -9.44
CA PRO B 106 10.18 -8.55 -8.24
C PRO B 106 11.28 -8.35 -7.19
N ARG B 107 11.17 -7.21 -6.53
CA ARG B 107 12.06 -6.85 -5.43
C ARG B 107 11.24 -6.56 -4.19
N GLU B 108 9.96 -6.93 -4.20
CA GLU B 108 9.03 -6.63 -3.13
C GLU B 108 8.56 -7.94 -2.54
N ASP B 109 8.62 -8.09 -1.20
CA ASP B 109 8.24 -9.39 -0.64
C ASP B 109 6.81 -9.77 -0.99
N PHE B 110 5.89 -8.79 -1.06
CA PHE B 110 4.49 -9.11 -1.36
C PHE B 110 4.26 -9.58 -2.79
N LEU B 111 5.24 -9.44 -3.70
CA LEU B 111 5.09 -9.95 -5.06
C LEU B 111 5.74 -11.32 -5.25
N TYR B 112 6.25 -11.94 -4.18
CA TYR B 112 6.68 -13.33 -4.25
C TYR B 112 5.55 -14.24 -3.77
N ASP B 113 5.63 -15.52 -4.17
CA ASP B 113 4.57 -16.49 -3.97
C ASP B 113 4.93 -17.61 -3.02
N TYR B 114 6.18 -18.04 -2.98
CA TYR B 114 6.60 -19.15 -2.16
C TYR B 114 7.89 -18.77 -1.45
N TRP B 115 8.06 -19.29 -0.25
CA TRP B 115 9.15 -18.89 0.63
C TRP B 115 9.83 -20.11 1.23
N GLY B 116 11.15 -20.00 1.41
CA GLY B 116 11.92 -20.98 2.14
C GLY B 116 11.86 -20.74 3.64
N GLN B 117 12.79 -21.38 4.37
CA GLN B 117 12.78 -21.34 5.81
C GLN B 117 13.84 -20.43 6.41
N GLY B 118 14.77 -19.92 5.62
CA GLY B 118 15.81 -19.08 6.17
C GLY B 118 17.02 -19.87 6.60
N THR B 119 18.18 -19.23 6.49
CA THR B 119 19.42 -19.77 7.02
C THR B 119 20.20 -18.62 7.64
N GLN B 120 20.79 -18.87 8.80
CA GLN B 120 21.50 -17.84 9.56
C GLN B 120 22.88 -17.57 8.94
N VAL B 121 23.21 -16.30 8.75
CA VAL B 121 24.57 -15.88 8.42
C VAL B 121 25.01 -14.89 9.48
N THR B 122 26.11 -15.20 10.17
CA THR B 122 26.64 -14.31 11.21
C THR B 122 28.07 -13.94 10.88
N VAL B 123 28.34 -12.64 10.83
CA VAL B 123 29.65 -12.10 10.45
C VAL B 123 30.25 -11.45 11.69
N SER B 124 31.33 -12.05 12.21
CA SER B 124 32.00 -11.48 13.38
C SER B 124 32.93 -10.34 12.99
N LEU C 3 5.92 -2.40 -36.64
CA LEU C 3 6.27 -2.84 -35.29
C LEU C 3 5.54 -1.99 -34.28
N CYS C 4 4.94 -2.65 -33.28
CA CYS C 4 4.07 -1.99 -32.33
C CYS C 4 4.82 -0.89 -31.56
N PRO C 5 4.23 0.31 -31.42
CA PRO C 5 4.88 1.42 -30.68
C PRO C 5 4.69 1.33 -29.17
N PHE C 6 5.15 0.22 -28.59
CA PHE C 6 5.05 0.05 -27.14
C PHE C 6 5.95 1.02 -26.40
N GLY C 7 7.09 1.41 -27.00
CA GLY C 7 7.99 2.34 -26.34
C GLY C 7 7.30 3.60 -25.88
N GLU C 8 6.45 4.18 -26.72
CA GLU C 8 5.72 5.37 -26.32
C GLU C 8 4.82 5.09 -25.12
N VAL C 9 4.34 3.85 -24.99
CA VAL C 9 3.44 3.55 -23.88
C VAL C 9 4.23 3.50 -22.57
N PHE C 10 5.37 2.79 -22.60
CA PHE C 10 6.13 2.58 -21.38
C PHE C 10 6.87 3.83 -20.95
N ASN C 11 7.34 4.62 -21.91
CA ASN C 11 8.22 5.75 -21.62
C ASN C 11 7.48 7.06 -21.45
N ALA C 12 6.15 7.03 -21.40
CA ALA C 12 5.40 8.28 -21.35
C ALA C 12 5.77 9.05 -20.09
N THR C 13 5.89 10.37 -20.23
CA THR C 13 6.26 11.19 -19.07
C THR C 13 5.18 11.15 -17.99
N ARG C 14 3.94 11.35 -18.39
CA ARG C 14 2.81 11.38 -17.49
C ARG C 14 2.01 10.10 -17.60
N PHE C 15 1.47 9.65 -16.47
CA PHE C 15 0.60 8.49 -16.38
C PHE C 15 -0.71 8.89 -15.70
N ALA C 16 -1.79 8.27 -16.11
CA ALA C 16 -3.11 8.57 -15.56
C ALA C 16 -3.29 8.04 -14.13
N SER C 17 -4.20 8.68 -13.39
CA SER C 17 -4.74 8.04 -12.19
C SER C 17 -5.53 6.78 -12.59
N VAL C 18 -5.49 5.77 -11.72
CA VAL C 18 -6.19 4.51 -12.01
C VAL C 18 -7.68 4.75 -12.24
N TYR C 19 -8.32 5.65 -11.49
CA TYR C 19 -9.76 5.77 -11.68
C TYR C 19 -10.06 6.36 -13.06
N ALA C 20 -9.12 7.12 -13.61
CA ALA C 20 -9.25 7.71 -14.94
C ALA C 20 -8.28 7.04 -15.92
N TRP C 21 -8.24 5.71 -15.89
CA TRP C 21 -7.15 5.00 -16.55
C TRP C 21 -7.09 5.31 -18.04
N ASN C 22 -5.88 5.39 -18.56
CA ASN C 22 -5.69 5.78 -19.95
C ASN C 22 -5.76 4.55 -20.84
N ARG C 23 -6.40 4.68 -22.00
CA ARG C 23 -6.38 3.61 -23.00
C ARG C 23 -5.79 4.11 -24.30
N LYS C 24 -4.85 3.35 -24.85
CA LYS C 24 -4.25 3.65 -26.14
C LYS C 24 -4.56 2.48 -27.07
N ARG C 25 -5.18 2.77 -28.21
CA ARG C 25 -5.40 1.74 -29.22
C ARG C 25 -4.22 1.66 -30.16
N ILE C 26 -3.73 0.46 -30.39
CA ILE C 26 -2.57 0.25 -31.25
C ILE C 26 -3.04 -0.55 -32.45
N SER C 27 -2.87 0.02 -33.64
CA SER C 27 -3.23 -0.68 -34.86
C SER C 27 -2.49 -2.00 -34.94
N ASN C 28 -3.04 -2.91 -35.74
CA ASN C 28 -2.39 -4.20 -35.95
C ASN C 28 -0.96 -4.00 -36.42
N CYS C 29 -0.03 -4.74 -35.80
CA CYS C 29 1.38 -4.38 -35.88
C CYS C 29 2.23 -5.64 -35.82
N VAL C 30 3.48 -5.48 -36.26
CA VAL C 30 4.47 -6.54 -36.09
C VAL C 30 4.84 -6.64 -34.62
N ALA C 31 4.73 -7.83 -34.06
CA ALA C 31 4.99 -8.01 -32.64
C ALA C 31 6.45 -7.70 -32.32
N ASP C 32 6.66 -6.82 -31.36
CA ASP C 32 8.00 -6.45 -30.89
C ASP C 32 8.23 -7.18 -29.56
N TYR C 33 8.96 -8.29 -29.62
CA TYR C 33 9.20 -9.11 -28.44
C TYR C 33 10.29 -8.56 -27.52
N SER C 34 10.90 -7.41 -27.83
CA SER C 34 12.03 -6.98 -27.00
C SER C 34 11.57 -6.61 -25.60
N VAL C 35 10.32 -6.16 -25.44
CA VAL C 35 9.79 -5.88 -24.12
C VAL C 35 9.82 -7.13 -23.25
N LEU C 36 9.40 -8.27 -23.82
CA LEU C 36 9.41 -9.53 -23.07
C LEU C 36 10.82 -9.88 -22.63
N TYR C 37 11.81 -9.73 -23.52
CA TYR C 37 13.17 -10.13 -23.18
C TYR C 37 13.79 -9.19 -22.16
N ASN C 38 13.28 -7.97 -22.03
CA ASN C 38 13.67 -7.03 -20.99
C ASN C 38 12.70 -7.03 -19.81
N SER C 39 11.98 -8.13 -19.60
CA SER C 39 11.07 -8.16 -18.45
C SER C 39 11.78 -7.93 -17.12
N ALA C 40 13.09 -8.14 -17.04
CA ALA C 40 13.81 -7.84 -15.80
C ALA C 40 13.77 -6.36 -15.39
N SER C 41 13.45 -5.46 -16.31
CA SER C 41 13.29 -4.04 -15.99
C SER C 41 12.09 -3.74 -15.10
N PHE C 42 11.21 -4.70 -14.88
CA PHE C 42 9.93 -4.47 -14.24
C PHE C 42 9.83 -5.32 -12.96
N SER C 43 9.05 -4.83 -11.98
CA SER C 43 8.78 -5.62 -10.77
C SER C 43 7.86 -6.79 -11.05
N THR C 44 6.89 -6.62 -11.95
CA THR C 44 6.02 -7.74 -12.30
C THR C 44 5.71 -7.70 -13.79
N PHE C 45 5.62 -8.90 -14.39
CA PHE C 45 5.36 -9.06 -15.82
C PHE C 45 4.68 -10.42 -15.89
N LYS C 46 3.35 -10.43 -15.96
CA LYS C 46 2.60 -11.68 -15.99
C LYS C 46 1.64 -11.67 -17.16
N CYS C 47 1.42 -12.83 -17.78
CA CYS C 47 0.50 -12.90 -18.90
C CYS C 47 -0.58 -13.92 -18.64
N TYR C 48 -1.73 -13.72 -19.29
CA TYR C 48 -2.93 -14.54 -19.07
C TYR C 48 -3.51 -14.90 -20.43
N GLY C 49 -3.91 -16.16 -20.55
CA GLY C 49 -4.38 -16.66 -21.83
C GLY C 49 -3.32 -16.76 -22.91
N VAL C 50 -2.04 -16.60 -22.57
CA VAL C 50 -0.93 -16.84 -23.50
C VAL C 50 0.32 -17.14 -22.69
N SER C 51 1.19 -17.97 -23.25
CA SER C 51 2.48 -18.29 -22.67
C SER C 51 3.59 -17.56 -23.43
N ASN C 62 -6.35 -6.24 -32.53
CA ASN C 62 -7.12 -5.79 -31.38
C ASN C 62 -6.23 -5.51 -30.16
N VAL C 63 -5.27 -4.59 -30.31
CA VAL C 63 -4.28 -4.31 -29.26
C VAL C 63 -4.67 -3.04 -28.51
N TYR C 64 -4.78 -3.15 -27.19
CA TYR C 64 -4.98 -2.00 -26.31
C TYR C 64 -3.85 -1.97 -25.29
N ALA C 65 -3.37 -0.76 -25.00
CA ALA C 65 -2.42 -0.52 -23.92
C ALA C 65 -3.11 0.39 -22.91
N ASP C 66 -3.46 -0.16 -21.76
CA ASP C 66 -4.06 0.66 -20.70
C ASP C 66 -2.98 0.98 -19.70
N SER C 67 -3.00 2.18 -19.13
CA SER C 67 -1.93 2.53 -18.18
C SER C 67 -2.43 3.48 -17.09
N PHE C 68 -1.80 3.37 -15.93
CA PHE C 68 -2.22 4.12 -14.75
C PHE C 68 -1.22 3.91 -13.61
N VAL C 69 -1.44 4.60 -12.50
CA VAL C 69 -0.64 4.47 -11.28
C VAL C 69 -1.52 3.95 -10.14
N ILE C 70 -0.96 3.00 -9.37
CA ILE C 70 -1.57 2.51 -8.13
C ILE C 70 -0.49 2.43 -7.06
N ARG C 71 -0.84 1.99 -5.85
CA ARG C 71 0.21 1.74 -4.86
C ARG C 71 0.68 0.28 -4.89
N GLY C 72 1.90 0.06 -4.35
CA GLY C 72 2.52 -1.26 -4.42
C GLY C 72 1.61 -2.39 -3.93
N ASP C 73 0.91 -2.18 -2.81
CA ASP C 73 0.03 -3.18 -2.22
C ASP C 73 -1.17 -3.54 -3.08
N GLU C 74 -1.45 -2.78 -4.13
CA GLU C 74 -2.57 -3.05 -5.03
C GLU C 74 -2.15 -3.70 -6.33
N VAL C 75 -0.84 -3.87 -6.56
CA VAL C 75 -0.42 -4.46 -7.84
C VAL C 75 -1.08 -5.83 -8.06
N ARG C 76 -1.27 -6.61 -7.00
CA ARG C 76 -1.87 -7.92 -7.20
C ARG C 76 -3.33 -7.86 -7.64
N GLN C 77 -4.00 -6.72 -7.45
CA GLN C 77 -5.38 -6.62 -7.93
C GLN C 77 -5.47 -6.46 -9.44
N ILE C 78 -4.36 -6.25 -10.15
CA ILE C 78 -4.44 -6.07 -11.62
C ILE C 78 -4.23 -7.45 -12.23
N ALA C 79 -5.29 -8.26 -12.20
CA ALA C 79 -5.27 -9.61 -12.73
C ALA C 79 -6.72 -10.08 -12.86
N PRO C 80 -6.97 -11.05 -13.73
CA PRO C 80 -8.35 -11.56 -13.84
C PRO C 80 -8.78 -12.15 -12.52
N GLY C 81 -10.06 -11.97 -12.19
CA GLY C 81 -10.69 -12.64 -11.06
C GLY C 81 -10.39 -12.06 -9.69
N GLN C 82 -9.77 -10.89 -9.63
CA GLN C 82 -9.39 -10.29 -8.36
C GLN C 82 -10.52 -9.45 -7.78
N THR C 83 -10.41 -9.16 -6.49
CA THR C 83 -11.37 -8.33 -5.77
C THR C 83 -10.61 -7.29 -4.96
N GLY C 84 -11.33 -6.26 -4.53
CA GLY C 84 -10.72 -5.13 -3.83
C GLY C 84 -11.12 -3.83 -4.47
N LYS C 85 -10.74 -2.72 -3.80
CA LYS C 85 -11.16 -1.40 -4.26
C LYS C 85 -10.76 -1.15 -5.73
N ILE C 86 -9.57 -1.61 -6.13
CA ILE C 86 -9.09 -1.28 -7.46
C ILE C 86 -9.79 -2.14 -8.50
N ALA C 87 -9.80 -3.45 -8.30
CA ALA C 87 -10.44 -4.34 -9.27
C ALA C 87 -11.93 -4.10 -9.34
N ASP C 88 -12.56 -3.71 -8.23
CA ASP C 88 -14.00 -3.60 -8.25
C ASP C 88 -14.47 -2.22 -8.69
N TYR C 89 -13.74 -1.16 -8.33
CA TYR C 89 -14.26 0.19 -8.53
C TYR C 89 -13.41 1.06 -9.44
N ASN C 90 -12.27 0.57 -9.90
CA ASN C 90 -11.35 1.41 -10.68
C ASN C 90 -11.00 0.82 -12.03
N TYR C 91 -10.44 -0.39 -12.08
CA TYR C 91 -9.99 -1.02 -13.32
C TYR C 91 -10.16 -2.53 -13.18
N LYS C 92 -10.98 -3.14 -14.04
CA LYS C 92 -11.36 -4.54 -13.87
CA LYS C 92 -11.40 -4.53 -13.88
C LYS C 92 -10.98 -5.31 -15.12
N LEU C 93 -10.27 -6.45 -14.93
CA LEU C 93 -9.97 -7.26 -16.09
C LEU C 93 -10.99 -8.38 -16.21
N PRO C 94 -11.37 -8.79 -17.41
CA PRO C 94 -12.33 -9.89 -17.54
C PRO C 94 -11.68 -11.22 -17.21
N ASP C 95 -12.55 -12.20 -16.90
CA ASP C 95 -12.07 -13.57 -16.62
C ASP C 95 -11.32 -14.18 -17.81
N ASP C 96 -11.77 -13.93 -19.03
CA ASP C 96 -11.12 -14.46 -20.22
C ASP C 96 -10.07 -13.53 -20.78
N PHE C 97 -9.48 -12.68 -19.94
CA PHE C 97 -8.42 -11.77 -20.35
C PHE C 97 -7.31 -12.52 -21.08
N THR C 98 -6.88 -11.97 -22.20
CA THR C 98 -5.72 -12.47 -22.94
C THR C 98 -4.79 -11.28 -23.12
N GLY C 99 -3.63 -11.34 -22.49
CA GLY C 99 -2.74 -10.20 -22.50
C GLY C 99 -1.78 -10.27 -21.33
N CYS C 100 -1.09 -9.15 -21.10
CA CYS C 100 -0.05 -9.10 -20.08
C CYS C 100 -0.20 -7.86 -19.22
N VAL C 101 0.26 -8.00 -17.98
CA VAL C 101 0.21 -6.96 -16.96
C VAL C 101 1.65 -6.73 -16.50
N ILE C 102 2.11 -5.50 -16.67
CA ILE C 102 3.49 -5.12 -16.41
C ILE C 102 3.46 -3.94 -15.45
N ALA C 103 4.29 -3.99 -14.41
CA ALA C 103 4.30 -2.86 -13.49
C ALA C 103 5.70 -2.64 -12.95
N TRP C 104 6.00 -1.39 -12.62
CA TRP C 104 7.27 -1.08 -12.02
C TRP C 104 7.13 0.02 -11.00
N ASN C 105 8.09 0.06 -10.09
CA ASN C 105 8.08 1.06 -9.04
C ASN C 105 8.46 2.41 -9.60
N SER C 106 7.62 3.42 -9.36
CA SER C 106 7.87 4.77 -9.86
C SER C 106 8.03 5.78 -8.73
N ASN C 107 8.52 5.35 -7.56
CA ASN C 107 8.73 6.32 -6.47
C ASN C 107 9.59 7.51 -6.90
N ASN C 108 10.58 7.28 -7.78
CA ASN C 108 11.48 8.34 -8.20
C ASN C 108 10.76 9.44 -8.98
N LEU C 109 9.66 9.12 -9.66
CA LEU C 109 8.92 10.07 -10.49
C LEU C 109 7.65 10.60 -9.84
N ASP C 110 6.99 9.79 -9.01
CA ASP C 110 5.61 10.03 -8.65
C ASP C 110 5.38 10.33 -7.17
N SER C 111 6.42 10.40 -6.35
CA SER C 111 6.23 10.84 -4.97
C SER C 111 6.76 12.25 -4.84
N LYS C 112 6.32 12.94 -3.79
CA LYS C 112 7.02 14.19 -3.49
C LYS C 112 6.99 14.43 -1.99
N VAL C 113 8.00 15.17 -1.51
CA VAL C 113 8.06 15.55 -0.10
C VAL C 113 6.79 16.31 0.26
N GLY C 114 6.19 15.93 1.39
CA GLY C 114 4.93 16.50 1.82
C GLY C 114 3.72 15.86 1.17
N GLY C 115 3.94 14.98 0.20
CA GLY C 115 2.92 14.20 -0.47
C GLY C 115 2.62 14.70 -1.88
N ASN C 116 2.52 13.75 -2.82
CA ASN C 116 1.95 13.99 -4.14
C ASN C 116 0.50 13.53 -4.10
N TYR C 117 -0.43 14.49 -4.19
CA TYR C 117 -1.87 14.24 -4.13
C TYR C 117 -2.51 14.11 -5.49
N ASN C 118 -1.75 14.25 -6.59
CA ASN C 118 -2.36 14.26 -7.91
C ASN C 118 -2.97 12.91 -8.30
N TYR C 119 -2.42 11.78 -7.82
CA TYR C 119 -2.97 10.48 -8.17
C TYR C 119 -4.13 10.12 -7.24
N LEU C 120 -5.26 9.70 -7.84
CA LEU C 120 -6.51 9.41 -7.14
C LEU C 120 -6.97 8.00 -7.43
N TYR C 121 -7.77 7.46 -6.50
CA TYR C 121 -8.45 6.20 -6.73
C TYR C 121 -9.89 6.34 -6.24
N ARG C 122 -10.80 5.57 -6.84
CA ARG C 122 -12.19 5.58 -6.39
C ARG C 122 -12.36 4.63 -5.22
N LEU C 123 -13.00 5.11 -4.16
CA LEU C 123 -13.23 4.39 -2.92
C LEU C 123 -14.50 3.57 -2.95
N PHE C 124 -15.55 4.18 -3.49
CA PHE C 124 -16.94 3.78 -3.36
C PHE C 124 -17.58 3.76 -4.73
N ARG C 125 -18.43 2.77 -4.97
CA ARG C 125 -19.32 2.79 -6.11
C ARG C 125 -20.54 1.96 -5.75
N LYS C 126 -21.70 2.29 -6.32
CA LYS C 126 -22.91 1.54 -5.97
C LYS C 126 -22.87 0.12 -6.52
N SER C 127 -22.12 -0.14 -7.58
CA SER C 127 -21.96 -1.52 -8.04
C SER C 127 -20.57 -1.64 -8.66
N ASN C 128 -20.12 -2.88 -8.85
CA ASN C 128 -18.77 -3.05 -9.40
C ASN C 128 -18.71 -2.59 -10.85
N LEU C 129 -17.53 -2.14 -11.28
CA LEU C 129 -17.33 -1.95 -12.71
C LEU C 129 -17.46 -3.26 -13.48
N LYS C 130 -17.88 -3.16 -14.73
CA LYS C 130 -17.73 -4.23 -15.70
C LYS C 130 -16.30 -4.23 -16.20
N PRO C 131 -15.83 -5.35 -16.76
CA PRO C 131 -14.45 -5.38 -17.28
C PRO C 131 -14.24 -4.28 -18.30
N PHE C 132 -13.11 -3.56 -18.15
CA PHE C 132 -12.70 -2.48 -19.05
C PHE C 132 -13.66 -1.29 -19.03
N GLU C 133 -14.54 -1.21 -18.03
CA GLU C 133 -15.33 0.00 -17.82
C GLU C 133 -14.53 1.05 -17.04
N ARG C 134 -14.83 2.33 -17.32
CA ARG C 134 -14.23 3.45 -16.59
C ARG C 134 -15.33 4.33 -16.00
N ASP C 135 -15.08 4.89 -14.82
CA ASP C 135 -16.01 5.83 -14.20
C ASP C 135 -15.17 7.00 -13.69
N ILE C 136 -15.39 8.21 -14.23
CA ILE C 136 -14.69 9.39 -13.73
C ILE C 136 -15.64 10.39 -13.08
N SER C 137 -16.87 10.01 -12.77
CA SER C 137 -17.78 10.94 -12.12
C SER C 137 -17.36 11.21 -10.67
N THR C 138 -17.81 12.37 -10.13
CA THR C 138 -17.47 12.72 -8.76
C THR C 138 -18.70 13.17 -7.96
N GLU C 139 -19.83 12.49 -8.14
CA GLU C 139 -20.98 12.75 -7.29
C GLU C 139 -20.67 12.37 -5.84
N ILE C 140 -21.06 13.23 -4.89
CA ILE C 140 -20.87 12.90 -3.47
C ILE C 140 -21.58 11.59 -3.17
N TYR C 141 -20.86 10.62 -2.60
CA TYR C 141 -21.37 9.26 -2.37
C TYR C 141 -22.18 9.15 -1.07
N GLN C 142 -23.36 8.56 -1.15
CA GLN C 142 -24.23 8.45 0.01
C GLN C 142 -23.92 7.16 0.76
N ALA C 143 -23.21 7.28 1.88
CA ALA C 143 -22.82 6.11 2.67
C ALA C 143 -23.84 5.71 3.71
N GLY C 144 -24.73 6.62 4.11
CA GLY C 144 -25.76 6.33 5.09
C GLY C 144 -27.12 6.34 4.44
N SER C 145 -28.15 6.78 5.18
CA SER C 145 -29.50 6.84 4.63
C SER C 145 -29.93 8.23 4.21
N THR C 146 -29.23 9.28 4.63
CA THR C 146 -29.86 10.47 4.08
C THR C 146 -29.15 10.91 2.80
N PRO C 147 -29.90 11.42 1.82
CA PRO C 147 -29.28 12.00 0.63
C PRO C 147 -28.26 13.08 0.99
N CYS C 148 -27.26 13.23 0.13
CA CYS C 148 -26.15 14.15 0.39
C CYS C 148 -26.39 15.55 -0.15
N ASN C 149 -27.12 15.70 -1.26
CA ASN C 149 -27.40 17.04 -1.82
C ASN C 149 -26.10 17.76 -2.18
N GLY C 150 -25.07 17.01 -2.57
CA GLY C 150 -23.79 17.59 -2.91
C GLY C 150 -22.94 18.06 -1.74
N VAL C 151 -23.27 17.69 -0.50
CA VAL C 151 -22.58 18.19 0.69
C VAL C 151 -21.93 17.02 1.43
N GLU C 152 -20.69 17.21 1.87
CA GLU C 152 -19.94 16.20 2.63
C GLU C 152 -20.34 16.16 4.11
N GLY C 153 -20.17 14.99 4.71
CA GLY C 153 -20.34 14.82 6.13
C GLY C 153 -19.90 13.42 6.49
N PHE C 154 -20.26 12.98 7.70
CA PHE C 154 -19.74 11.66 8.05
C PHE C 154 -20.48 10.55 7.35
N ASN C 155 -21.56 10.87 6.64
CA ASN C 155 -22.31 9.88 5.89
C ASN C 155 -22.22 10.11 4.39
N CYS C 156 -21.47 11.13 3.96
CA CYS C 156 -21.55 11.65 2.60
C CYS C 156 -20.14 12.00 2.15
N TYR C 157 -19.59 11.25 1.19
CA TYR C 157 -18.16 11.32 0.91
C TYR C 157 -17.89 11.66 -0.55
N PHE C 158 -16.95 12.56 -0.78
CA PHE C 158 -16.35 12.64 -2.11
C PHE C 158 -15.82 11.25 -2.47
N PRO C 159 -16.11 10.74 -3.67
CA PRO C 159 -15.94 9.29 -3.90
C PRO C 159 -14.53 8.86 -4.27
N LEU C 160 -13.63 9.80 -4.50
CA LEU C 160 -12.23 9.53 -4.81
C LEU C 160 -11.38 9.92 -3.61
N GLN C 161 -10.16 9.38 -3.56
CA GLN C 161 -9.21 9.73 -2.52
CA GLN C 161 -9.21 9.76 -2.52
C GLN C 161 -7.82 9.82 -3.14
N SER C 162 -6.97 10.69 -2.57
CA SER C 162 -5.58 10.80 -3.03
C SER C 162 -4.72 9.77 -2.31
N TYR C 163 -3.77 9.20 -3.04
CA TYR C 163 -2.75 8.39 -2.39
C TYR C 163 -1.82 9.25 -1.51
N GLY C 164 -1.41 10.42 -1.97
CA GLY C 164 -0.48 11.19 -1.14
C GLY C 164 0.95 10.64 -1.07
N PHE C 165 1.48 10.16 -2.18
CA PHE C 165 2.76 9.47 -2.18
C PHE C 165 3.90 10.36 -1.67
N GLN C 166 4.64 9.85 -0.70
CA GLN C 166 5.85 10.50 -0.18
C GLN C 166 7.03 9.60 -0.43
N PRO C 167 8.20 10.15 -0.76
CA PRO C 167 9.33 9.28 -1.16
C PRO C 167 9.79 8.37 -0.04
N THR C 168 9.52 8.74 1.21
CA THR C 168 9.92 7.97 2.36
C THR C 168 8.92 6.87 2.73
N ASN C 169 7.81 6.75 2.01
CA ASN C 169 6.84 5.67 2.26
C ASN C 169 7.49 4.29 2.16
N GLY C 170 6.95 3.34 2.93
CA GLY C 170 7.24 1.93 2.68
C GLY C 170 6.82 1.50 1.28
N VAL C 171 7.46 0.44 0.78
CA VAL C 171 7.29 0.07 -0.62
C VAL C 171 5.84 -0.27 -0.96
N GLY C 172 5.09 -0.84 -0.01
CA GLY C 172 3.69 -1.12 -0.30
C GLY C 172 2.84 0.11 -0.50
N TYR C 173 3.30 1.27 -0.04
CA TYR C 173 2.60 2.52 -0.24
C TYR C 173 3.31 3.41 -1.25
N GLN C 174 4.29 2.86 -1.99
CA GLN C 174 4.94 3.65 -3.03
C GLN C 174 4.16 3.54 -4.33
N PRO C 175 4.33 4.50 -5.25
CA PRO C 175 3.60 4.45 -6.51
C PRO C 175 4.21 3.43 -7.47
N TYR C 176 3.33 2.74 -8.21
CA TYR C 176 3.70 1.81 -9.26
C TYR C 176 3.00 2.24 -10.53
N ARG C 177 3.77 2.32 -11.63
CA ARG C 177 3.21 2.49 -12.96
C ARG C 177 2.86 1.13 -13.55
N VAL C 178 1.67 1.04 -14.15
CA VAL C 178 1.14 -0.21 -14.65
C VAL C 178 0.77 -0.02 -16.11
N VAL C 179 1.12 -1.01 -16.93
CA VAL C 179 0.69 -1.12 -18.31
C VAL C 179 0.02 -2.48 -18.49
N VAL C 180 -1.16 -2.46 -19.10
CA VAL C 180 -1.93 -3.68 -19.39
C VAL C 180 -2.04 -3.78 -20.91
N LEU C 181 -1.47 -4.81 -21.48
CA LEU C 181 -1.56 -5.05 -22.92
C LEU C 181 -2.62 -6.10 -23.17
N SER C 182 -3.71 -5.72 -23.83
CA SER C 182 -4.73 -6.66 -24.29
C SER C 182 -4.53 -6.94 -25.76
N PHE C 183 -4.47 -8.21 -26.11
CA PHE C 183 -4.42 -8.64 -27.49
C PHE C 183 -5.07 -10.00 -27.61
#